data_5WRM
#
_entry.id   5WRM
#
_cell.length_a   125.478
_cell.length_b   125.478
_cell.length_c   74.138
_cell.angle_alpha   90.00
_cell.angle_beta   90.00
_cell.angle_gamma   120.00
#
_symmetry.space_group_name_H-M   'P 64'
#
loop_
_entity.id
_entity.type
_entity.pdbx_description
1 polymer 'AP-2 complex subunit mu'
2 polymer 'Insulin receptor substrate 1'
3 water water
#
loop_
_entity_poly.entity_id
_entity_poly.type
_entity_poly.pdbx_seq_one_letter_code
_entity_poly.pdbx_strand_id
1 'polypeptide(L)'
;QIGWRREGIKYRRNELFLDVLESVNLLMSPQGQVLSAHVSGRVVMKSYLSGMPECKFGMNDKIVIEKQGKGTADETSKSG
KQSIAIDDCTFHQCVRLSKFDSERSISFIPPDGEFELMRYRTTKDIILPFRVIPLVREVGRTKLEVKVVIKSNFKPSLLA
QKIEVRIPTPLNTSGVQVICMKGKAKYKASENAIVWKIKRMAGMKESQISAEIELLPTNDKKKWARPPISMNFEVPFAPS
GLKVRYLKVFEPKLNYSDHDVIKWVRYIGRSGIYETRC
;
A
2 'polypeptide(L)' GYMMMSPS P
#
# COMPACT_ATOMS: atom_id res chain seq x y z
N ILE A 2 19.20 -26.49 14.13
CA ILE A 2 18.62 -25.39 13.35
C ILE A 2 19.48 -25.03 12.16
N GLY A 3 18.86 -24.99 10.97
CA GLY A 3 19.61 -24.87 9.75
C GLY A 3 19.75 -23.46 9.24
N TRP A 4 18.81 -22.59 9.62
CA TRP A 4 18.79 -21.20 9.18
C TRP A 4 19.41 -20.25 10.17
N ARG A 5 20.04 -20.74 11.24
CA ARG A 5 20.66 -19.85 12.21
C ARG A 5 21.82 -20.54 12.90
N ARG A 6 22.98 -19.87 12.89
CA ARG A 6 24.18 -20.34 13.57
C ARG A 6 24.08 -20.04 15.06
N GLU A 7 24.97 -20.64 15.83
CA GLU A 7 24.77 -20.66 17.28
C GLU A 7 25.49 -19.56 18.05
N GLY A 8 26.56 -18.97 17.51
CA GLY A 8 27.32 -18.05 18.36
C GLY A 8 27.07 -16.56 18.23
N ILE A 9 25.89 -16.16 17.75
CA ILE A 9 25.67 -14.78 17.35
C ILE A 9 25.64 -13.87 18.57
N LYS A 10 26.37 -12.74 18.49
CA LYS A 10 26.38 -11.74 19.55
C LYS A 10 26.30 -10.34 18.98
N TYR A 11 25.51 -9.49 19.63
CA TYR A 11 25.41 -8.08 19.30
C TYR A 11 25.44 -7.28 20.59
N ARG A 12 26.12 -6.14 20.60
CA ARG A 12 25.95 -5.22 21.73
C ARG A 12 24.56 -4.60 21.71
N ARG A 13 24.15 -4.08 20.57
CA ARG A 13 22.87 -3.41 20.40
C ARG A 13 21.89 -4.44 19.80
N ASN A 14 21.08 -5.07 20.64
CA ASN A 14 20.09 -6.04 20.19
C ASN A 14 18.86 -5.32 19.65
N GLU A 15 18.73 -5.28 18.33
CA GLU A 15 17.76 -4.45 17.63
C GLU A 15 17.02 -5.30 16.60
N LEU A 16 15.75 -4.99 16.36
CA LEU A 16 15.02 -5.62 15.26
C LEU A 16 14.15 -4.57 14.57
N PHE A 17 13.89 -4.83 13.29
CA PHE A 17 13.10 -3.97 12.42
C PHE A 17 12.04 -4.80 11.71
N LEU A 18 10.77 -4.42 11.84
CA LEU A 18 9.68 -5.07 11.11
C LEU A 18 9.17 -4.18 9.98
N ASP A 19 9.07 -4.75 8.79
CA ASP A 19 8.48 -4.08 7.64
C ASP A 19 7.18 -4.79 7.25
N VAL A 20 6.06 -4.09 7.36
CA VAL A 20 4.77 -4.55 6.85
C VAL A 20 4.57 -3.90 5.48
N LEU A 21 4.67 -4.71 4.44
CA LEU A 21 4.70 -4.24 3.06
C LEU A 21 3.44 -4.75 2.37
N GLU A 22 2.56 -3.84 1.98
CA GLU A 22 1.26 -4.20 1.43
C GLU A 22 1.03 -3.55 0.08
N SER A 23 0.49 -4.33 -0.85
CA SER A 23 0.00 -3.84 -2.13
C SER A 23 -1.53 -3.86 -2.09
N VAL A 24 -2.16 -2.68 -2.17
CA VAL A 24 -3.63 -2.60 -2.18
C VAL A 24 -4.14 -2.47 -3.62
N ASN A 25 -5.14 -3.29 -3.96
CA ASN A 25 -5.66 -3.39 -5.32
C ASN A 25 -7.16 -3.10 -5.34
N LEU A 26 -7.58 -2.27 -6.29
CA LEU A 26 -8.95 -1.79 -6.38
C LEU A 26 -9.40 -1.68 -7.84
N LEU A 27 -10.62 -2.15 -8.10
CA LEU A 27 -11.36 -1.82 -9.31
C LEU A 27 -12.67 -1.20 -8.86
N MET A 28 -12.87 0.08 -9.13
CA MET A 28 -14.04 0.80 -8.67
C MET A 28 -14.95 1.17 -9.84
N SER A 29 -16.25 1.00 -9.66
CA SER A 29 -17.22 1.26 -10.70
C SER A 29 -17.47 2.76 -10.85
N PRO A 30 -18.09 3.17 -11.96
CA PRO A 30 -18.36 4.60 -12.16
C PRO A 30 -19.36 5.18 -11.17
N GLN A 31 -20.10 4.35 -10.44
CA GLN A 31 -21.06 4.81 -9.46
C GLN A 31 -20.56 4.65 -8.02
N GLY A 32 -19.30 4.29 -7.83
CA GLY A 32 -18.71 4.21 -6.51
C GLY A 32 -18.86 2.88 -5.81
N GLN A 33 -19.21 1.81 -6.52
CA GLN A 33 -19.27 0.48 -5.93
C GLN A 33 -17.93 -0.23 -6.17
N VAL A 34 -17.40 -0.85 -5.11
CA VAL A 34 -16.18 -1.63 -5.20
C VAL A 34 -16.49 -2.92 -5.96
N LEU A 35 -15.96 -3.05 -7.17
CA LEU A 35 -16.17 -4.26 -7.96
C LEU A 35 -15.28 -5.41 -7.49
N SER A 36 -14.07 -5.09 -7.04
CA SER A 36 -13.08 -6.07 -6.62
C SER A 36 -12.01 -5.34 -5.81
N ALA A 37 -11.58 -5.95 -4.71
CA ALA A 37 -10.54 -5.32 -3.90
C ALA A 37 -9.84 -6.39 -3.08
N HIS A 38 -8.51 -6.27 -2.99
CA HIS A 38 -7.73 -7.20 -2.22
C HIS A 38 -6.40 -6.55 -1.82
N VAL A 39 -5.82 -7.03 -0.72
CA VAL A 39 -4.48 -6.64 -0.31
C VAL A 39 -3.59 -7.87 -0.34
N SER A 40 -2.38 -7.70 -0.88
CA SER A 40 -1.30 -8.67 -0.77
C SER A 40 -0.23 -8.07 0.13
N GLY A 41 0.15 -8.82 1.16
CA GLY A 41 1.07 -8.31 2.16
C GLY A 41 2.17 -9.30 2.48
N ARG A 42 3.29 -8.76 2.92
CA ARG A 42 4.34 -9.56 3.52
C ARG A 42 4.94 -8.80 4.69
N VAL A 43 5.43 -9.55 5.65
CA VAL A 43 6.13 -9.01 6.81
C VAL A 43 7.58 -9.47 6.70
N VAL A 44 8.48 -8.52 6.50
CA VAL A 44 9.90 -8.77 6.52
C VAL A 44 10.45 -8.36 7.88
N MET A 45 11.30 -9.20 8.45
CA MET A 45 11.94 -8.89 9.72
C MET A 45 13.45 -8.73 9.49
N LYS A 46 14.02 -7.69 10.06
CA LYS A 46 15.47 -7.54 10.10
C LYS A 46 15.90 -7.50 11.56
N SER A 47 16.51 -8.59 12.03
CA SER A 47 16.85 -8.81 13.42
C SER A 47 18.37 -8.85 13.61
N TYR A 48 18.84 -8.19 14.66
CA TYR A 48 20.21 -8.29 15.15
C TYR A 48 20.09 -8.64 16.63
N LEU A 49 19.88 -9.93 16.90
CA LEU A 49 19.62 -10.44 18.23
C LEU A 49 20.69 -11.44 18.64
N SER A 50 20.98 -11.51 19.95
CA SER A 50 22.08 -12.32 20.43
C SER A 50 21.63 -13.74 20.70
N GLY A 51 22.43 -14.69 20.24
CA GLY A 51 22.25 -16.11 20.59
C GLY A 51 21.24 -16.81 19.70
N MET A 52 20.18 -17.32 20.32
CA MET A 52 19.15 -18.12 19.64
C MET A 52 17.81 -17.74 20.25
N PRO A 53 17.34 -16.53 20.01
CA PRO A 53 16.13 -16.05 20.69
C PRO A 53 14.87 -16.73 20.18
N GLU A 54 13.95 -17.00 21.09
CA GLU A 54 12.63 -17.52 20.77
C GLU A 54 11.67 -16.35 20.71
N CYS A 55 11.18 -16.04 19.50
CA CYS A 55 10.34 -14.87 19.23
C CYS A 55 8.88 -15.23 19.03
N LYS A 56 8.01 -14.27 19.37
CA LYS A 56 6.56 -14.38 19.19
C LYS A 56 6.06 -13.11 18.49
N PHE A 57 5.36 -13.30 17.38
CA PHE A 57 4.84 -12.19 16.57
C PHE A 57 3.34 -12.06 16.79
N GLY A 58 2.91 -10.87 17.23
CA GLY A 58 1.50 -10.65 17.49
C GLY A 58 0.95 -9.50 16.69
N MET A 59 -0.21 -9.70 16.08
CA MET A 59 -0.88 -8.68 15.28
C MET A 59 -2.35 -8.69 15.65
N ASN A 60 -3.14 -7.87 14.96
CA ASN A 60 -4.56 -7.79 15.27
C ASN A 60 -5.39 -8.69 14.35
N ASP A 61 -5.14 -9.99 14.47
CA ASP A 61 -5.91 -11.02 13.77
C ASP A 61 -7.17 -11.38 14.57
N LYS A 62 -8.23 -11.74 13.84
CA LYS A 62 -9.50 -12.14 14.46
C LYS A 62 -9.45 -13.53 15.11
N LYS A 81 -9.48 0.03 18.88
CA LYS A 81 -10.12 -1.24 18.54
C LYS A 81 -10.21 -1.44 17.03
N GLN A 82 -9.50 -2.46 16.53
CA GLN A 82 -9.53 -2.84 15.14
C GLN A 82 -8.85 -4.20 14.99
N SER A 83 -9.54 -5.16 14.36
CA SER A 83 -9.05 -6.53 14.22
C SER A 83 -9.42 -7.04 12.84
N ILE A 84 -8.41 -7.45 12.07
CA ILE A 84 -8.58 -7.70 10.64
C ILE A 84 -8.63 -9.19 10.34
N ALA A 85 -9.19 -9.51 9.17
CA ALA A 85 -9.44 -10.87 8.74
C ALA A 85 -8.44 -11.24 7.65
N ILE A 86 -7.71 -12.33 7.87
CA ILE A 86 -6.68 -12.79 6.96
C ILE A 86 -7.24 -13.97 6.17
N ASP A 87 -7.35 -13.82 4.85
CA ASP A 87 -7.99 -14.86 4.03
C ASP A 87 -7.15 -16.12 3.98
N ASP A 88 -5.84 -15.98 3.80
CA ASP A 88 -4.88 -17.05 4.07
C ASP A 88 -3.49 -16.44 4.06
N CYS A 89 -2.49 -17.26 4.33
CA CYS A 89 -1.14 -16.79 4.53
C CYS A 89 -0.20 -17.99 4.57
N THR A 90 1.08 -17.72 4.37
CA THR A 90 2.13 -18.72 4.44
C THR A 90 3.32 -18.10 5.17
N PHE A 91 4.07 -18.96 5.86
CA PHE A 91 5.12 -18.53 6.77
C PHE A 91 6.48 -19.04 6.32
N HIS A 92 7.51 -18.37 6.84
CA HIS A 92 8.88 -18.87 6.77
C HIS A 92 8.98 -20.18 7.52
N GLN A 93 9.78 -21.10 7.01
CA GLN A 93 9.92 -22.42 7.65
C GLN A 93 10.26 -22.35 9.13
N CYS A 94 10.79 -21.23 9.61
CA CYS A 94 11.14 -21.13 11.02
C CYS A 94 9.93 -20.97 11.92
N VAL A 95 8.77 -20.64 11.37
CA VAL A 95 7.58 -20.44 12.18
C VAL A 95 7.01 -21.80 12.58
N ARG A 96 6.74 -21.97 13.87
CA ARG A 96 6.08 -23.16 14.38
C ARG A 96 4.64 -23.11 13.90
N LEU A 97 4.34 -23.93 12.89
CA LEU A 97 3.01 -23.91 12.29
C LEU A 97 1.96 -24.44 13.25
N SER A 98 2.27 -25.52 13.97
CA SER A 98 1.31 -26.13 14.87
C SER A 98 0.90 -25.20 16.01
N LYS A 99 1.78 -24.27 16.40
CA LYS A 99 1.39 -23.26 17.36
C LYS A 99 0.41 -22.26 16.75
N PHE A 100 0.55 -21.96 15.45
CA PHE A 100 -0.42 -21.14 14.73
C PHE A 100 -1.69 -21.92 14.35
N ASP A 101 -1.69 -23.24 14.51
CA ASP A 101 -2.81 -24.07 14.09
C ASP A 101 -3.82 -24.37 15.20
N SER A 102 -3.42 -24.29 16.47
CA SER A 102 -4.35 -24.48 17.58
C SER A 102 -4.46 -23.27 18.48
N GLU A 103 -3.68 -22.19 18.22
CA GLU A 103 -3.74 -20.98 19.03
C GLU A 103 -3.45 -19.70 18.25
N ARG A 104 -3.21 -19.77 16.94
CA ARG A 104 -2.91 -18.60 16.11
C ARG A 104 -1.75 -17.77 16.67
N SER A 105 -0.72 -18.45 17.17
CA SER A 105 0.46 -17.81 17.74
C SER A 105 1.66 -18.05 16.82
N ILE A 106 2.23 -16.97 16.29
CA ILE A 106 3.38 -17.08 15.40
C ILE A 106 4.64 -17.06 16.26
N SER A 107 5.20 -18.25 16.51
CA SER A 107 6.41 -18.45 17.30
C SER A 107 7.52 -18.95 16.41
N PHE A 108 8.75 -18.49 16.66
CA PHE A 108 9.85 -18.82 15.75
C PHE A 108 11.16 -18.40 16.37
N ILE A 109 12.23 -19.11 16.00
CA ILE A 109 13.59 -18.64 16.21
C ILE A 109 14.05 -17.99 14.90
N PRO A 110 14.22 -16.68 14.84
CA PRO A 110 14.41 -16.02 13.55
C PRO A 110 15.79 -16.28 12.99
N PRO A 111 15.94 -16.36 11.68
CA PRO A 111 17.28 -16.26 11.08
C PRO A 111 17.87 -14.89 11.40
N ASP A 112 19.19 -14.82 11.32
CA ASP A 112 19.87 -13.57 11.56
C ASP A 112 19.79 -12.66 10.33
N GLY A 113 19.76 -11.36 10.56
CA GLY A 113 19.61 -10.43 9.46
C GLY A 113 18.19 -10.34 8.95
N GLU A 114 18.02 -10.28 7.62
CA GLU A 114 16.75 -10.01 6.97
C GLU A 114 16.11 -11.29 6.48
N PHE A 115 14.83 -11.47 6.78
CA PHE A 115 14.09 -12.58 6.20
C PHE A 115 12.61 -12.23 6.12
N GLU A 116 11.88 -12.98 5.28
CA GLU A 116 10.43 -12.78 5.12
C GLU A 116 9.71 -13.68 6.11
N LEU A 117 9.04 -13.08 7.09
CA LEU A 117 8.38 -13.87 8.12
C LEU A 117 7.09 -14.50 7.59
N MET A 118 6.25 -13.72 6.89
CA MET A 118 5.03 -14.26 6.33
C MET A 118 4.59 -13.44 5.11
N ARG A 119 3.80 -14.10 4.26
CA ARG A 119 3.00 -13.51 3.20
C ARG A 119 1.52 -13.70 3.56
N TYR A 120 0.68 -12.74 3.17
CA TYR A 120 -0.74 -12.86 3.49
C TYR A 120 -1.60 -12.12 2.46
N ARG A 121 -2.90 -12.44 2.44
CA ARG A 121 -3.85 -11.82 1.53
C ARG A 121 -5.14 -11.47 2.25
N THR A 122 -5.62 -10.25 2.01
CA THR A 122 -6.80 -9.70 2.64
C THR A 122 -7.80 -9.26 1.56
N THR A 123 -9.08 -9.47 1.82
CA THR A 123 -10.13 -8.88 0.98
C THR A 123 -11.18 -8.12 1.77
N LYS A 124 -11.25 -8.28 3.08
CA LYS A 124 -12.37 -7.76 3.85
C LYS A 124 -11.92 -6.51 4.59
N ASP A 125 -12.81 -5.53 4.64
CA ASP A 125 -12.64 -4.27 5.38
C ASP A 125 -11.33 -3.57 5.03
N ILE A 126 -11.10 -3.41 3.73
CA ILE A 126 -9.87 -2.79 3.22
C ILE A 126 -9.99 -1.29 3.31
N ILE A 127 -8.93 -0.62 3.74
CA ILE A 127 -8.88 0.84 3.68
C ILE A 127 -8.41 1.22 2.29
N LEU A 128 -9.29 1.84 1.51
CA LEU A 128 -8.93 2.39 0.21
C LEU A 128 -8.37 3.79 0.43
N PRO A 129 -7.05 3.99 0.33
CA PRO A 129 -6.48 5.29 0.74
C PRO A 129 -6.96 6.46 -0.08
N PHE A 130 -7.37 6.25 -1.34
CA PHE A 130 -7.75 7.35 -2.22
C PHE A 130 -9.06 7.06 -2.92
N ARG A 131 -9.89 8.08 -3.01
CA ARG A 131 -11.11 8.05 -3.81
C ARG A 131 -10.92 8.98 -5.00
N VAL A 132 -11.25 8.50 -6.19
CA VAL A 132 -11.11 9.27 -7.42
C VAL A 132 -12.51 9.59 -7.92
N ILE A 133 -12.79 10.89 -8.07
CA ILE A 133 -14.10 11.34 -8.56
C ILE A 133 -13.94 12.08 -9.88
N PRO A 134 -14.28 11.47 -11.00
CA PRO A 134 -14.09 12.13 -12.30
C PRO A 134 -15.34 12.86 -12.78
N LEU A 135 -15.19 13.70 -13.79
CA LEU A 135 -16.31 14.45 -14.34
C LEU A 135 -15.96 14.89 -15.75
N VAL A 136 -16.83 14.58 -16.72
CA VAL A 136 -16.59 14.89 -18.13
C VAL A 136 -17.73 15.75 -18.67
N ARG A 137 -17.44 16.44 -19.78
CA ARG A 137 -18.36 17.43 -20.38
C ARG A 137 -17.97 17.57 -21.86
N GLU A 138 -18.54 16.70 -22.71
CA GLU A 138 -18.31 16.69 -24.15
C GLU A 138 -18.76 17.99 -24.81
N VAL A 139 -17.82 18.89 -25.07
CA VAL A 139 -18.13 20.11 -25.81
C VAL A 139 -18.18 19.77 -27.29
N GLY A 140 -19.30 19.23 -27.75
CA GLY A 140 -19.41 18.86 -29.15
C GLY A 140 -18.27 18.00 -29.58
N ARG A 141 -17.84 18.18 -30.83
CA ARG A 141 -16.79 17.36 -31.40
C ARG A 141 -15.40 17.98 -31.27
N THR A 142 -15.27 19.16 -30.66
CA THR A 142 -13.97 19.82 -30.58
C THR A 142 -13.17 19.49 -29.32
N LYS A 143 -13.81 19.40 -28.15
CA LYS A 143 -13.02 19.27 -26.94
C LYS A 143 -13.76 18.49 -25.86
N LEU A 144 -12.99 17.97 -24.91
CA LEU A 144 -13.49 17.47 -23.63
C LEU A 144 -13.05 18.42 -22.54
N GLU A 145 -14.01 18.89 -21.75
CA GLU A 145 -13.72 19.62 -20.53
C GLU A 145 -13.90 18.64 -19.36
N VAL A 146 -12.80 18.28 -18.68
CA VAL A 146 -12.81 17.19 -17.70
C VAL A 146 -12.15 17.66 -16.40
N LYS A 147 -12.71 17.23 -15.26
CA LYS A 147 -12.16 17.52 -13.95
C LYS A 147 -12.07 16.23 -13.14
N VAL A 148 -10.91 15.98 -12.53
CA VAL A 148 -10.74 14.84 -11.64
C VAL A 148 -10.37 15.32 -10.24
N VAL A 149 -11.04 14.78 -9.23
CA VAL A 149 -10.85 15.12 -7.82
C VAL A 149 -10.35 13.86 -7.11
N ILE A 150 -9.27 13.99 -6.34
CA ILE A 150 -8.82 12.88 -5.51
C ILE A 150 -9.01 13.29 -4.05
N LYS A 151 -9.47 12.33 -3.25
CA LYS A 151 -9.68 12.51 -1.82
C LYS A 151 -8.85 11.48 -1.05
N SER A 152 -8.10 11.95 -0.05
CA SER A 152 -7.29 11.07 0.77
C SER A 152 -8.08 10.64 2.00
N ASN A 153 -8.15 9.34 2.24
CA ASN A 153 -9.01 8.78 3.28
C ASN A 153 -8.15 8.05 4.31
N PHE A 154 -7.48 8.81 5.16
CA PHE A 154 -6.68 8.27 6.27
C PHE A 154 -6.43 9.38 7.27
N LYS A 155 -5.80 9.04 8.39
CA LYS A 155 -5.55 10.02 9.46
C LYS A 155 -4.83 11.24 8.88
N PRO A 156 -5.21 12.45 9.29
CA PRO A 156 -4.55 13.65 8.75
C PRO A 156 -3.10 13.81 9.17
N SER A 157 -2.69 13.14 10.24
CA SER A 157 -1.30 13.21 10.68
C SER A 157 -0.35 12.38 9.81
N LEU A 158 -0.87 11.72 8.78
CA LEU A 158 -0.10 10.85 7.91
C LEU A 158 -0.09 11.44 6.51
N LEU A 159 1.03 11.26 5.81
CA LEU A 159 1.21 11.76 4.45
C LEU A 159 1.31 10.59 3.49
N ALA A 160 0.55 10.65 2.40
CA ALA A 160 0.87 9.83 1.26
C ALA A 160 1.99 10.49 0.48
N GLN A 161 2.78 9.68 -0.21
CA GLN A 161 3.85 10.20 -1.04
C GLN A 161 3.86 9.45 -2.37
N LYS A 162 4.53 10.05 -3.36
CA LYS A 162 4.65 9.50 -4.72
C LYS A 162 3.28 9.24 -5.37
N ILE A 163 2.38 10.21 -5.25
CA ILE A 163 1.04 10.10 -5.82
C ILE A 163 1.09 10.43 -7.30
N GLU A 164 0.53 9.54 -8.12
CA GLU A 164 0.39 9.77 -9.55
C GLU A 164 -1.03 9.42 -9.97
N VAL A 165 -1.72 10.37 -10.60
CA VAL A 165 -3.05 10.15 -11.14
C VAL A 165 -2.93 10.16 -12.64
N ARG A 166 -3.47 9.14 -13.28
CA ARG A 166 -3.24 8.87 -14.68
C ARG A 166 -4.58 8.88 -15.42
N ILE A 167 -4.79 9.87 -16.28
CA ILE A 167 -6.08 10.14 -16.92
C ILE A 167 -5.94 9.86 -18.41
N PRO A 168 -6.53 8.79 -18.92
CA PRO A 168 -6.35 8.48 -20.34
C PRO A 168 -7.07 9.47 -21.24
N THR A 169 -6.49 9.70 -22.43
CA THR A 169 -7.09 10.63 -23.36
C THR A 169 -7.44 9.90 -24.65
N PRO A 170 -8.40 10.40 -25.42
CA PRO A 170 -8.73 9.73 -26.68
C PRO A 170 -7.55 9.80 -27.64
N LEU A 171 -7.55 8.87 -28.59
CA LEU A 171 -6.44 8.78 -29.54
C LEU A 171 -6.48 9.90 -30.58
N ASN A 172 -7.62 10.56 -30.75
CA ASN A 172 -7.71 11.72 -31.64
C ASN A 172 -7.42 13.03 -30.92
N THR A 173 -6.71 12.98 -29.80
CA THR A 173 -6.33 14.19 -29.08
C THR A 173 -5.31 14.98 -29.89
N SER A 174 -5.58 16.27 -30.09
CA SER A 174 -4.61 17.14 -30.73
C SER A 174 -3.81 17.98 -29.74
N GLY A 175 -4.25 18.08 -28.51
CA GLY A 175 -3.54 18.86 -27.52
C GLY A 175 -4.33 18.89 -26.23
N VAL A 176 -3.62 19.14 -25.14
CA VAL A 176 -4.22 19.14 -23.81
C VAL A 176 -3.75 20.38 -23.05
N GLN A 177 -4.69 21.07 -22.40
CA GLN A 177 -4.38 22.09 -21.40
C GLN A 177 -4.80 21.57 -20.02
N VAL A 178 -3.96 21.78 -19.00
CA VAL A 178 -4.33 21.41 -17.65
C VAL A 178 -4.11 22.59 -16.71
N ILE A 179 -4.93 22.65 -15.67
CA ILE A 179 -4.68 23.50 -14.52
C ILE A 179 -4.71 22.62 -13.28
N CYS A 180 -3.68 22.72 -12.45
CA CYS A 180 -3.74 22.04 -11.17
C CYS A 180 -2.94 22.82 -10.16
N MET A 181 -3.64 23.23 -9.10
CA MET A 181 -3.05 24.02 -8.04
C MET A 181 -2.02 23.23 -7.26
N LYS A 182 -2.15 21.91 -7.21
CA LYS A 182 -1.22 21.07 -6.47
C LYS A 182 -0.57 20.12 -7.45
N GLY A 183 0.71 19.82 -7.20
CA GLY A 183 1.46 18.94 -8.03
C GLY A 183 1.82 19.55 -9.38
N LYS A 184 2.22 18.64 -10.28
CA LYS A 184 2.52 18.91 -11.68
C LYS A 184 1.78 17.89 -12.54
N ALA A 185 1.40 18.31 -13.75
CA ALA A 185 0.75 17.43 -14.74
C ALA A 185 1.27 17.68 -16.14
N LYS A 186 1.62 16.61 -16.85
CA LYS A 186 2.02 16.65 -18.25
C LYS A 186 1.09 15.78 -19.08
N TYR A 187 0.80 16.21 -20.30
CA TYR A 187 0.17 15.32 -21.27
C TYR A 187 1.28 14.54 -21.95
N LYS A 188 1.04 13.24 -22.14
CA LYS A 188 2.04 12.35 -22.72
C LYS A 188 1.41 11.64 -23.92
N ALA A 189 1.48 12.29 -25.10
CA ALA A 189 0.75 11.80 -26.27
C ALA A 189 1.21 10.41 -26.68
N SER A 190 2.47 10.06 -26.38
CA SER A 190 2.97 8.72 -26.66
C SER A 190 2.14 7.67 -25.92
N GLU A 191 1.54 8.05 -24.80
CA GLU A 191 0.83 7.12 -23.92
C GLU A 191 -0.64 7.48 -23.78
N ASN A 192 -1.11 8.48 -24.52
CA ASN A 192 -2.49 8.95 -24.46
C ASN A 192 -2.99 9.06 -23.03
N ALA A 193 -2.21 9.74 -22.19
CA ALA A 193 -2.60 9.95 -20.81
C ALA A 193 -2.08 11.29 -20.29
N ILE A 194 -2.88 11.93 -19.47
CA ILE A 194 -2.44 13.03 -18.62
C ILE A 194 -1.90 12.41 -17.35
N VAL A 195 -0.66 12.72 -17.00
CA VAL A 195 -0.03 12.19 -15.79
C VAL A 195 0.12 13.34 -14.81
N TRP A 196 -0.57 13.23 -13.68
CA TRP A 196 -0.58 14.23 -12.62
C TRP A 196 0.23 13.68 -11.45
N LYS A 197 1.29 14.38 -11.07
CA LYS A 197 2.19 13.91 -10.02
C LYS A 197 2.16 14.81 -8.80
N ILE A 198 1.97 14.23 -7.63
CA ILE A 198 1.91 14.97 -6.37
C ILE A 198 2.90 14.36 -5.39
N LYS A 199 3.78 15.20 -4.83
CA LYS A 199 4.85 14.69 -3.97
C LYS A 199 4.31 14.23 -2.62
N ARG A 200 3.46 15.04 -1.99
CA ARG A 200 2.91 14.73 -0.67
C ARG A 200 1.44 15.10 -0.63
N MET A 201 0.66 14.30 0.10
CA MET A 201 -0.70 14.68 0.44
C MET A 201 -1.06 14.08 1.78
N ALA A 202 -1.59 14.90 2.68
CA ALA A 202 -2.00 14.41 3.98
C ALA A 202 -3.42 13.86 3.93
N GLY A 203 -3.76 13.11 4.96
CA GLY A 203 -5.05 12.46 5.01
C GLY A 203 -6.18 13.44 5.29
N MET A 204 -7.35 13.08 4.74
CA MET A 204 -8.58 13.87 4.80
C MET A 204 -8.42 15.20 4.06
N LYS A 205 -7.99 15.09 2.81
CA LYS A 205 -7.79 16.27 1.96
C LYS A 205 -8.33 16.00 0.56
N GLU A 206 -8.54 17.10 -0.18
CA GLU A 206 -8.99 17.07 -1.56
C GLU A 206 -8.04 17.88 -2.44
N SER A 207 -7.79 17.37 -3.64
CA SER A 207 -7.08 18.08 -4.68
C SER A 207 -7.75 17.76 -6.01
N GLN A 208 -7.75 18.73 -6.91
CA GLN A 208 -8.40 18.56 -8.20
C GLN A 208 -7.51 19.05 -9.33
N ILE A 209 -7.73 18.45 -10.49
CA ILE A 209 -7.10 18.86 -11.73
C ILE A 209 -8.20 19.09 -12.76
N SER A 210 -8.07 20.18 -13.52
CA SER A 210 -8.91 20.46 -14.68
C SER A 210 -8.09 20.30 -15.95
N ALA A 211 -8.73 19.77 -17.00
CA ALA A 211 -8.08 19.56 -18.29
C ALA A 211 -9.06 19.86 -19.42
N GLU A 212 -8.57 20.56 -20.44
CA GLU A 212 -9.28 20.66 -21.72
C GLU A 212 -8.54 19.81 -22.73
N ILE A 213 -9.28 18.94 -23.42
CA ILE A 213 -8.70 17.98 -24.34
C ILE A 213 -9.26 18.32 -25.72
N GLU A 214 -8.43 18.94 -26.56
CA GLU A 214 -8.85 19.31 -27.90
C GLU A 214 -8.75 18.10 -28.82
N LEU A 215 -9.79 17.90 -29.64
CA LEU A 215 -9.97 16.69 -30.43
C LEU A 215 -9.74 16.93 -31.91
N LEU A 216 -9.24 15.92 -32.57
CA LEU A 216 -9.20 15.85 -34.02
C LEU A 216 -10.48 15.23 -34.54
N PRO A 217 -10.83 15.47 -35.80
CA PRO A 217 -11.91 14.71 -36.42
C PRO A 217 -11.59 13.23 -36.38
N THR A 218 -12.65 12.41 -36.37
CA THR A 218 -12.47 11.00 -36.12
C THR A 218 -13.66 10.27 -36.72
N ASN A 219 -13.51 8.97 -36.90
CA ASN A 219 -14.57 8.17 -37.49
C ASN A 219 -15.80 8.15 -36.58
N ASP A 220 -16.94 8.58 -37.15
CA ASP A 220 -18.18 8.66 -36.39
C ASP A 220 -18.49 7.36 -35.68
N LYS A 221 -18.38 6.24 -36.40
CA LYS A 221 -18.75 4.95 -35.84
C LYS A 221 -17.75 4.50 -34.79
N LYS A 222 -16.45 4.62 -35.09
CA LYS A 222 -15.40 4.14 -34.18
C LYS A 222 -15.37 5.02 -32.93
N LYS A 223 -15.88 4.46 -31.83
CA LYS A 223 -15.96 5.14 -30.54
C LYS A 223 -14.81 4.74 -29.63
N TRP A 224 -14.75 5.39 -28.48
CA TRP A 224 -13.65 5.27 -27.53
C TRP A 224 -14.19 4.67 -26.25
N ALA A 225 -13.71 3.49 -25.88
CA ALA A 225 -14.05 2.86 -24.61
C ALA A 225 -13.15 3.48 -23.55
N ARG A 226 -13.67 4.46 -22.81
CA ARG A 226 -12.93 5.23 -21.83
C ARG A 226 -12.23 4.31 -20.84
N PRO A 227 -10.91 4.16 -20.92
CA PRO A 227 -10.19 3.35 -19.92
C PRO A 227 -10.29 3.98 -18.54
N PRO A 228 -9.99 3.23 -17.48
CA PRO A 228 -10.15 3.78 -16.14
C PRO A 228 -9.08 4.82 -15.83
N ILE A 229 -9.43 5.75 -14.96
CA ILE A 229 -8.43 6.55 -14.30
C ILE A 229 -7.71 5.66 -13.29
N SER A 230 -6.38 5.67 -13.33
CA SER A 230 -5.60 4.83 -12.42
C SER A 230 -4.65 5.67 -11.56
N MET A 231 -4.27 5.11 -10.42
CA MET A 231 -3.48 5.79 -9.42
C MET A 231 -2.28 4.96 -9.01
N ASN A 232 -1.21 5.66 -8.66
CA ASN A 232 -0.08 5.11 -7.92
C ASN A 232 0.12 5.96 -6.68
N PHE A 233 0.44 5.31 -5.57
CA PHE A 233 0.73 6.01 -4.33
C PHE A 233 1.50 5.10 -3.39
N GLU A 234 2.06 5.72 -2.35
CA GLU A 234 2.68 5.04 -1.23
C GLU A 234 2.08 5.68 0.02
N VAL A 235 1.58 4.87 0.95
CA VAL A 235 1.02 5.37 2.21
C VAL A 235 1.75 4.71 3.37
N PRO A 236 1.89 5.39 4.52
CA PRO A 236 2.67 4.82 5.63
C PRO A 236 1.81 4.07 6.64
N PHE A 237 0.81 3.35 6.15
CA PHE A 237 0.03 2.44 6.96
C PHE A 237 -0.31 1.23 6.10
N ALA A 238 -0.83 0.19 6.75
CA ALA A 238 -1.22 -1.04 6.06
C ALA A 238 -2.68 -0.93 5.63
N PRO A 239 -2.97 -0.88 4.32
CA PRO A 239 -4.38 -0.78 3.89
C PRO A 239 -5.27 -1.92 4.36
N SER A 240 -4.69 -3.10 4.65
CA SER A 240 -5.48 -4.21 5.18
C SER A 240 -6.04 -3.90 6.56
N GLY A 241 -5.49 -2.90 7.25
CA GLY A 241 -5.83 -2.62 8.63
C GLY A 241 -4.93 -3.31 9.64
N LEU A 242 -3.97 -4.10 9.18
CA LEU A 242 -3.06 -4.82 10.05
C LEU A 242 -2.25 -3.87 10.92
N LYS A 243 -2.23 -4.15 12.23
CA LYS A 243 -1.34 -3.52 13.20
C LYS A 243 -0.48 -4.57 13.88
N VAL A 244 0.79 -4.24 14.11
CA VAL A 244 1.67 -5.09 14.88
C VAL A 244 1.43 -4.79 16.36
N ARG A 245 1.23 -5.82 17.15
CA ARG A 245 1.00 -5.59 18.57
C ARG A 245 2.24 -5.86 19.40
N TYR A 246 3.03 -6.85 19.02
CA TYR A 246 4.24 -7.15 19.77
C TYR A 246 5.12 -8.05 18.94
N LEU A 247 6.40 -8.00 19.26
CA LEU A 247 7.37 -9.02 18.83
C LEU A 247 8.17 -9.33 20.09
N LYS A 248 7.79 -10.37 20.81
CA LYS A 248 8.44 -10.70 22.07
C LYS A 248 9.69 -11.54 21.80
N VAL A 249 10.79 -11.16 22.43
CA VAL A 249 12.07 -11.84 22.30
C VAL A 249 12.39 -12.46 23.65
N PHE A 250 12.59 -13.76 23.67
CA PHE A 250 12.96 -14.51 24.87
C PHE A 250 14.18 -15.34 24.54
N GLU A 251 15.33 -14.96 25.10
CA GLU A 251 16.53 -15.76 24.96
C GLU A 251 16.87 -16.30 26.35
N PRO A 252 16.52 -17.56 26.64
CA PRO A 252 16.54 -18.02 28.04
C PRO A 252 17.92 -18.22 28.60
N LYS A 253 18.95 -18.34 27.76
CA LYS A 253 20.29 -18.57 28.27
C LYS A 253 21.07 -17.27 28.49
N LEU A 254 20.80 -16.23 27.71
CA LEU A 254 21.57 -15.00 27.81
C LEU A 254 20.86 -13.96 28.64
N ASN A 255 21.65 -13.01 29.14
CA ASN A 255 21.24 -12.04 30.15
C ASN A 255 20.68 -10.75 29.57
N TYR A 256 20.09 -10.81 28.38
CA TYR A 256 19.19 -9.76 27.94
C TYR A 256 17.79 -10.32 27.90
N SER A 257 16.83 -9.44 28.14
CA SER A 257 15.43 -9.78 28.20
C SER A 257 14.68 -8.96 27.15
N ASP A 258 13.37 -9.19 27.08
CA ASP A 258 12.55 -8.60 26.02
C ASP A 258 12.71 -7.08 25.98
N HIS A 259 12.64 -6.42 27.14
CA HIS A 259 12.66 -4.97 27.20
C HIS A 259 14.03 -4.38 26.91
N ASP A 260 15.07 -5.21 26.79
CA ASP A 260 16.36 -4.74 26.32
C ASP A 260 16.38 -4.57 24.81
N VAL A 261 15.54 -5.31 24.09
CA VAL A 261 15.54 -5.27 22.65
C VAL A 261 14.95 -3.95 22.18
N ILE A 262 15.66 -3.29 21.26
CA ILE A 262 15.20 -2.06 20.62
C ILE A 262 14.39 -2.47 19.38
N LYS A 263 13.11 -2.11 19.34
CA LYS A 263 12.19 -2.64 18.35
C LYS A 263 11.57 -1.54 17.49
N TRP A 264 11.55 -1.75 16.17
CA TRP A 264 10.98 -0.80 15.22
C TRP A 264 9.98 -1.45 14.28
N VAL A 265 8.93 -0.68 13.91
CA VAL A 265 7.97 -1.08 12.90
C VAL A 265 7.83 0.02 11.86
N ARG A 266 7.68 -0.36 10.60
CA ARG A 266 7.19 0.59 9.63
C ARG A 266 6.22 -0.11 8.69
N TYR A 267 5.20 0.63 8.26
CA TYR A 267 4.25 0.15 7.28
C TYR A 267 4.47 0.88 5.97
N ILE A 268 4.57 0.13 4.88
CA ILE A 268 4.72 0.68 3.53
C ILE A 268 3.63 0.04 2.67
N GLY A 269 2.51 0.77 2.47
CA GLY A 269 1.44 0.32 1.62
C GLY A 269 1.55 1.02 0.28
N ARG A 270 1.57 0.21 -0.78
CA ARG A 270 1.69 0.73 -2.14
C ARG A 270 0.48 0.28 -2.96
N SER A 271 0.16 1.07 -3.97
CA SER A 271 -0.89 0.70 -4.89
C SER A 271 -0.43 -0.44 -5.80
N GLY A 272 -1.37 -1.31 -6.15
CA GLY A 272 -1.19 -2.22 -7.25
C GLY A 272 -2.03 -1.75 -8.41
N ILE A 273 -2.93 -2.61 -8.88
CA ILE A 273 -4.02 -2.14 -9.72
C ILE A 273 -4.93 -1.30 -8.87
N TYR A 274 -5.12 -0.05 -9.27
CA TYR A 274 -5.92 0.92 -8.52
C TYR A 274 -6.67 1.73 -9.56
N GLU A 275 -7.74 1.15 -10.09
CA GLU A 275 -8.42 1.65 -11.27
C GLU A 275 -9.84 2.06 -10.93
N THR A 276 -10.25 3.24 -11.41
CA THR A 276 -11.60 3.74 -11.19
C THR A 276 -12.24 3.93 -12.55
N ARG A 277 -13.36 3.24 -12.76
CA ARG A 277 -14.01 3.26 -14.07
C ARG A 277 -14.79 4.55 -14.24
N CYS A 278 -14.79 5.08 -15.46
CA CYS A 278 -15.58 6.27 -15.75
C CYS A 278 -16.85 5.96 -16.49
N GLY B 1 7.74 5.79 8.11
CA GLY B 1 9.11 5.55 8.54
C GLY B 1 9.05 4.62 9.73
N TYR B 2 10.22 4.28 10.28
CA TYR B 2 10.24 3.38 11.42
C TYR B 2 9.71 4.09 12.66
N MET B 3 8.89 3.37 13.41
CA MET B 3 8.31 3.82 14.67
C MET B 3 8.81 2.93 15.80
N MET B 4 9.20 3.54 16.91
CA MET B 4 9.50 2.74 18.10
C MET B 4 8.29 1.90 18.43
N MET B 5 8.52 0.61 18.66
CA MET B 5 7.43 -0.32 18.94
C MET B 5 7.19 -0.39 20.44
N SER B 6 5.91 -0.38 20.82
CA SER B 6 5.47 -0.33 22.22
C SER B 6 6.08 -1.39 23.14
#